data_5UWZ
#
_entry.id   5UWZ
#
_cell.length_a   69.842
_cell.length_b   95.424
_cell.length_c   39.255
_cell.angle_alpha   90.00
_cell.angle_beta   90.00
_cell.angle_gamma   90.00
#
_symmetry.space_group_name_H-M   'P 21 21 2'
#
loop_
_entity.id
_entity.type
_entity.pdbx_description
1 polymer 'Aldehyde decarbonylase'
2 non-polymer 1,2-ETHANEDIOL
3 non-polymer 'STEARIC ACID'
4 water water
#
_entity_poly.entity_id   1
_entity_poly.type   'polypeptide(L)'
_entity_poly.pdbx_seq_one_letter_code
;MNRTAPSSAALDYRSDTYRDAYSRINAIVLEGEREAHANYLTLAEMLPDHAEALKKLAAMENRHFKGFQSCARNLEVTPD
DPFARAYFEQLDGNFQQAAAEGDLTTCMVIQALIIECFAIAAYNVYIPVADAFARKVTEGVVKDEYTHLNFGQQWLKERF
VTVREGIERANAQNLPIVWRMLNAVEADTEVLQMDKEAIVEDFMIAYGEALGDIGFSMRDVMKMSARGLASAPRQGSHHH
HHH
;
_entity_poly.pdbx_strand_id   A
#
# COMPACT_ATOMS: atom_id res chain seq x y z
N LEU A 11 -12.31 -22.85 4.56
CA LEU A 11 -10.94 -22.72 3.98
C LEU A 11 -9.97 -23.77 4.51
N ASP A 12 -9.25 -24.40 3.60
CA ASP A 12 -8.16 -25.32 3.93
C ASP A 12 -6.87 -24.59 3.65
N TYR A 13 -6.27 -24.06 4.70
CA TYR A 13 -5.05 -23.25 4.58
C TYR A 13 -3.81 -24.02 4.15
N ARG A 14 -3.90 -25.35 4.23
CA ARG A 14 -2.79 -26.23 4.01
C ARG A 14 -2.85 -26.85 2.60
N SER A 15 -3.89 -26.53 1.84
CA SER A 15 -4.04 -27.13 0.51
C SER A 15 -3.05 -26.55 -0.51
N ASP A 16 -2.77 -27.32 -1.56
CA ASP A 16 -1.92 -26.85 -2.68
C ASP A 16 -2.50 -25.56 -3.27
N THR A 17 -3.82 -25.52 -3.46
CA THR A 17 -4.49 -24.39 -4.08
C THR A 17 -4.28 -23.12 -3.23
N TYR A 18 -4.50 -23.23 -1.94
CA TYR A 18 -4.39 -22.07 -1.09
C TYR A 18 -2.93 -21.62 -1.02
N ARG A 19 -2.02 -22.56 -0.83
CA ARG A 19 -0.60 -22.25 -0.77
C ARG A 19 -0.08 -21.61 -2.02
N ASP A 20 -0.56 -22.07 -3.17
CA ASP A 20 -0.12 -21.50 -4.47
C ASP A 20 -0.56 -20.02 -4.56
N ALA A 21 -1.82 -19.74 -4.26
CA ALA A 21 -2.31 -18.36 -4.28
C ALA A 21 -1.56 -17.52 -3.25
N TYR A 22 -1.36 -18.10 -2.06
CA TYR A 22 -0.70 -17.36 -0.98
C TYR A 22 0.73 -17.02 -1.37
N SER A 23 1.39 -17.88 -2.13
CA SER A 23 2.77 -17.57 -2.54
C SER A 23 2.88 -16.24 -3.28
N ARG A 24 1.86 -15.93 -4.08
CA ARG A 24 1.86 -14.69 -4.84
C ARG A 24 1.35 -13.53 -3.98
N ILE A 25 0.26 -13.73 -3.23
CA ILE A 25 -0.27 -12.67 -2.40
C ILE A 25 0.72 -12.26 -1.30
N ASN A 26 1.35 -13.25 -0.66
CA ASN A 26 2.34 -12.94 0.34
C ASN A 26 3.55 -12.22 -0.28
N ALA A 27 3.99 -12.68 -1.45
CA ALA A 27 5.12 -12.02 -2.11
C ALA A 27 4.82 -10.56 -2.42
N ILE A 28 3.58 -10.27 -2.84
CA ILE A 28 3.19 -8.88 -3.12
C ILE A 28 3.28 -8.03 -1.88
N VAL A 29 2.78 -8.52 -0.75
CA VAL A 29 2.80 -7.72 0.46
C VAL A 29 4.27 -7.51 0.88
N LEU A 30 5.10 -8.56 0.80
CA LEU A 30 6.51 -8.39 1.15
C LEU A 30 7.23 -7.40 0.25
N GLU A 31 7.00 -7.46 -1.07
CA GLU A 31 7.63 -6.52 -1.94
C GLU A 31 7.14 -5.09 -1.66
N GLY A 32 5.86 -4.94 -1.38
CA GLY A 32 5.34 -3.64 -1.02
C GLY A 32 6.03 -3.07 0.22
N GLU A 33 6.23 -3.92 1.20
CA GLU A 33 6.90 -3.48 2.42
C GLU A 33 8.38 -3.20 2.19
N ARG A 34 9.02 -4.04 1.38
CA ARG A 34 10.42 -3.80 1.06
C ARG A 34 10.58 -2.45 0.34
N GLU A 35 9.70 -2.16 -0.62
CA GLU A 35 9.75 -0.87 -1.31
C GLU A 35 9.41 0.27 -0.36
N ALA A 36 8.44 0.09 0.53
CA ALA A 36 8.11 1.16 1.47
C ALA A 36 9.31 1.49 2.35
N HIS A 37 9.98 0.45 2.85
CA HIS A 37 11.20 0.68 3.63
C HIS A 37 12.24 1.46 2.85
N ALA A 38 12.54 1.01 1.62
CA ALA A 38 13.51 1.71 0.79
C ALA A 38 13.09 3.15 0.52
N ASN A 39 11.82 3.34 0.23
CA ASN A 39 11.32 4.66 -0.15
C ASN A 39 11.35 5.63 1.02
N TYR A 40 11.02 5.17 2.22
CA TYR A 40 11.12 6.07 3.36
C TYR A 40 12.60 6.41 3.64
N LEU A 41 13.53 5.50 3.41
CA LEU A 41 14.93 5.83 3.53
C LEU A 41 15.41 6.81 2.44
N THR A 42 14.91 6.69 1.22
CA THR A 42 15.19 7.69 0.20
C THR A 42 14.70 9.05 0.64
N LEU A 43 13.47 9.11 1.14
CA LEU A 43 12.94 10.38 1.62
C LEU A 43 13.73 10.94 2.78
N ALA A 44 14.16 10.08 3.69
CA ALA A 44 14.97 10.55 4.83
C ALA A 44 16.26 11.16 4.36
N GLU A 45 16.87 10.57 3.32
CA GLU A 45 18.13 11.11 2.78
C GLU A 45 17.89 12.50 2.19
N MET A 46 16.78 12.66 1.47
CA MET A 46 16.51 13.93 0.80
C MET A 46 16.01 15.02 1.74
N LEU A 47 15.47 14.62 2.90
CA LEU A 47 14.85 15.55 3.86
C LEU A 47 15.48 15.35 5.22
N PRO A 48 16.75 15.73 5.37
CA PRO A 48 17.46 15.42 6.62
C PRO A 48 16.81 16.02 7.86
N ASP A 49 16.13 17.14 7.73
CA ASP A 49 15.50 17.72 8.89
C ASP A 49 14.37 16.81 9.43
N HIS A 50 13.83 15.96 8.55
CA HIS A 50 12.75 15.04 8.86
C HIS A 50 13.22 13.58 8.95
N ALA A 51 14.52 13.37 9.01
CA ALA A 51 15.05 12.02 8.88
C ALA A 51 14.62 11.11 10.02
N GLU A 52 14.50 11.63 11.25
CA GLU A 52 14.15 10.75 12.34
C GLU A 52 12.76 10.16 12.14
N ALA A 53 11.79 10.99 11.79
CA ALA A 53 10.44 10.49 11.56
C ALA A 53 10.39 9.51 10.39
N LEU A 54 11.12 9.82 9.32
CA LEU A 54 11.08 8.98 8.13
C LEU A 54 11.78 7.67 8.37
N LYS A 55 12.87 7.68 9.14
CA LYS A 55 13.56 6.45 9.46
C LYS A 55 12.71 5.56 10.41
N LYS A 56 11.92 6.18 11.30
CA LYS A 56 11.02 5.39 12.12
C LYS A 56 9.93 4.73 11.26
N LEU A 57 9.44 5.40 10.24
CA LEU A 57 8.47 4.78 9.33
C LEU A 57 9.13 3.64 8.57
N ALA A 58 10.35 3.84 8.09
CA ALA A 58 11.06 2.76 7.44
C ALA A 58 11.17 1.54 8.37
N ALA A 59 11.55 1.80 9.62
CA ALA A 59 11.74 0.71 10.57
C ALA A 59 10.40 -0.02 10.84
N MET A 60 9.31 0.72 10.92
CA MET A 60 8.02 0.10 11.09
C MET A 60 7.69 -0.82 9.91
N GLU A 61 7.95 -0.35 8.68
N GLU A 61 7.95 -0.36 8.69
CA GLU A 61 7.77 -1.18 7.47
CA GLU A 61 7.65 -1.21 7.57
C GLU A 61 8.55 -2.47 7.55
C GLU A 61 8.55 -2.46 7.52
N ASN A 62 9.77 -2.38 8.03
CA ASN A 62 10.58 -3.58 8.20
C ASN A 62 10.00 -4.56 9.25
N ARG A 63 9.44 -4.04 10.33
CA ARG A 63 8.76 -4.91 11.30
C ARG A 63 7.57 -5.60 10.65
N HIS A 64 6.83 -4.86 9.84
CA HIS A 64 5.69 -5.46 9.15
C HIS A 64 6.11 -6.51 8.15
N PHE A 65 7.19 -6.24 7.42
CA PHE A 65 7.80 -7.24 6.54
C PHE A 65 8.08 -8.53 7.28
N LYS A 66 8.72 -8.43 8.45
CA LYS A 66 9.02 -9.63 9.24
C LYS A 66 7.74 -10.34 9.66
N GLY A 67 6.71 -9.59 10.02
CA GLY A 67 5.46 -10.21 10.38
C GLY A 67 4.83 -10.99 9.24
N PHE A 68 4.79 -10.41 8.04
CA PHE A 68 4.21 -11.12 6.91
C PHE A 68 5.08 -12.27 6.46
N GLN A 69 6.41 -12.19 6.62
CA GLN A 69 7.28 -13.34 6.37
C GLN A 69 6.90 -14.50 7.30
N SER A 70 6.60 -14.20 8.55
N SER A 70 6.60 -14.17 8.56
CA SER A 70 6.23 -15.25 9.51
CA SER A 70 6.22 -15.19 9.52
C SER A 70 4.90 -15.91 9.12
C SER A 70 4.93 -15.89 9.11
N CYS A 71 4.00 -15.15 8.51
CA CYS A 71 2.75 -15.70 8.07
C CYS A 71 2.97 -16.73 6.97
N ALA A 72 3.90 -16.45 6.05
CA ALA A 72 4.26 -17.42 5.03
C ALA A 72 4.96 -18.64 5.64
N ARG A 73 5.89 -18.42 6.56
CA ARG A 73 6.56 -19.54 7.20
C ARG A 73 5.53 -20.46 7.92
N ASN A 74 4.53 -19.84 8.58
CA ASN A 74 3.52 -20.58 9.30
C ASN A 74 2.73 -21.53 8.40
N LEU A 75 2.52 -21.14 7.14
CA LEU A 75 1.81 -21.97 6.16
C LEU A 75 2.75 -22.74 5.25
N GLU A 76 4.04 -22.71 5.54
CA GLU A 76 5.05 -23.39 4.72
C GLU A 76 4.98 -22.98 3.25
N VAL A 77 4.85 -21.67 3.06
CA VAL A 77 4.78 -21.08 1.74
C VAL A 77 6.07 -20.32 1.45
N THR A 78 6.61 -20.53 0.26
CA THR A 78 7.73 -19.75 -0.27
C THR A 78 7.18 -18.62 -1.15
N PRO A 79 7.48 -17.35 -0.83
CA PRO A 79 6.93 -16.29 -1.66
C PRO A 79 7.46 -16.33 -3.09
N ASP A 80 6.61 -15.95 -4.04
CA ASP A 80 6.99 -15.85 -5.45
C ASP A 80 7.55 -14.45 -5.74
N ASP A 81 8.83 -14.28 -5.46
CA ASP A 81 9.43 -12.95 -5.53
C ASP A 81 9.51 -12.37 -6.97
N PRO A 82 9.81 -13.19 -8.00
CA PRO A 82 9.84 -12.60 -9.33
C PRO A 82 8.48 -12.06 -9.76
N PHE A 83 7.42 -12.75 -9.40
CA PHE A 83 6.09 -12.29 -9.69
C PHE A 83 5.87 -10.92 -9.06
N ALA A 84 6.22 -10.80 -7.77
CA ALA A 84 5.94 -9.57 -7.03
C ALA A 84 6.77 -8.38 -7.50
N ARG A 85 8.02 -8.64 -7.86
CA ARG A 85 8.85 -7.57 -8.41
C ARG A 85 8.21 -7.01 -9.68
N ALA A 86 7.74 -7.89 -10.59
CA ALA A 86 7.12 -7.42 -11.83
C ALA A 86 5.81 -6.69 -11.54
N TYR A 87 5.04 -7.18 -10.56
CA TYR A 87 3.77 -6.60 -10.20
C TYR A 87 3.91 -5.12 -9.84
N PHE A 88 4.98 -4.79 -9.09
CA PHE A 88 5.23 -3.43 -8.62
C PHE A 88 6.10 -2.58 -9.55
N GLU A 89 6.61 -3.13 -10.67
CA GLU A 89 7.64 -2.44 -11.42
C GLU A 89 7.18 -1.05 -11.87
N GLN A 90 5.96 -0.93 -12.38
CA GLN A 90 5.55 0.32 -12.96
C GLN A 90 5.37 1.38 -11.84
N LEU A 91 4.67 1.01 -10.77
CA LEU A 91 4.44 1.96 -9.69
C LEU A 91 5.77 2.36 -9.02
N ASP A 92 6.65 1.40 -8.79
CA ASP A 92 7.97 1.68 -8.21
C ASP A 92 8.77 2.59 -9.10
N GLY A 93 8.71 2.34 -10.39
CA GLY A 93 9.42 3.21 -11.30
C GLY A 93 8.90 4.64 -11.22
N ASN A 94 7.60 4.83 -11.09
CA ASN A 94 7.07 6.19 -10.98
C ASN A 94 7.53 6.85 -9.68
N PHE A 95 7.62 6.12 -8.57
CA PHE A 95 8.14 6.69 -7.35
C PHE A 95 9.59 7.10 -7.56
N GLN A 96 10.42 6.22 -8.11
CA GLN A 96 11.84 6.53 -8.22
C GLN A 96 12.07 7.70 -9.18
N GLN A 97 11.30 7.78 -10.27
CA GLN A 97 11.44 8.91 -11.17
C GLN A 97 11.01 10.24 -10.50
N ALA A 98 9.94 10.19 -9.73
CA ALA A 98 9.53 11.37 -8.99
C ALA A 98 10.60 11.82 -8.04
N ALA A 99 11.18 10.90 -7.29
CA ALA A 99 12.23 11.30 -6.37
C ALA A 99 13.41 11.90 -7.13
N ALA A 100 13.74 11.33 -8.29
CA ALA A 100 14.80 11.87 -9.16
C ALA A 100 14.57 13.29 -9.62
N GLU A 101 13.33 13.67 -9.78
CA GLU A 101 12.96 15.02 -10.19
C GLU A 101 12.71 15.92 -9.00
N GLY A 102 12.93 15.41 -7.76
CA GLY A 102 12.58 16.20 -6.59
C GLY A 102 11.09 16.46 -6.46
N ASP A 103 10.28 15.61 -7.10
CA ASP A 103 8.82 15.74 -7.06
C ASP A 103 8.32 14.96 -5.84
N LEU A 104 8.52 15.60 -4.69
CA LEU A 104 8.11 14.98 -3.44
C LEU A 104 6.61 14.83 -3.36
N THR A 105 5.86 15.70 -4.02
CA THR A 105 4.40 15.58 -4.05
C THR A 105 3.99 14.21 -4.56
N THR A 106 4.52 13.81 -5.72
CA THR A 106 4.18 12.52 -6.27
C THR A 106 4.64 11.40 -5.37
N CYS A 107 5.85 11.52 -4.81
CA CYS A 107 6.32 10.50 -3.88
C CYS A 107 5.36 10.30 -2.72
N MET A 108 4.90 11.39 -2.13
CA MET A 108 4.00 11.27 -0.98
C MET A 108 2.66 10.69 -1.40
N VAL A 109 2.15 11.12 -2.56
CA VAL A 109 0.88 10.56 -3.03
C VAL A 109 0.99 9.05 -3.24
N ILE A 110 2.04 8.61 -3.92
CA ILE A 110 2.19 7.19 -4.18
C ILE A 110 2.30 6.41 -2.87
N GLN A 111 3.23 6.81 -2.01
CA GLN A 111 3.53 6.00 -0.85
C GLN A 111 2.52 6.15 0.28
N ALA A 112 2.21 7.41 0.62
CA ALA A 112 1.47 7.68 1.83
C ALA A 112 -0.03 7.70 1.62
N LEU A 113 -0.50 7.80 0.38
CA LEU A 113 -1.93 7.84 0.09
C LEU A 113 -2.34 6.61 -0.66
N ILE A 114 -1.84 6.44 -1.91
CA ILE A 114 -2.33 5.37 -2.74
C ILE A 114 -1.97 3.99 -2.18
N ILE A 115 -0.67 3.72 -2.02
CA ILE A 115 -0.24 2.43 -1.49
C ILE A 115 -0.79 2.19 -0.11
N GLU A 116 -0.75 3.20 0.74
CA GLU A 116 -1.20 3.03 2.10
C GLU A 116 -2.69 2.64 2.13
N CYS A 117 -3.55 3.36 1.41
CA CYS A 117 -4.97 3.02 1.41
C CYS A 117 -5.24 1.68 0.77
N PHE A 118 -4.50 1.35 -0.27
CA PHE A 118 -4.68 0.06 -0.94
C PHE A 118 -4.29 -1.09 0.00
N ALA A 119 -3.15 -0.96 0.68
CA ALA A 119 -2.71 -1.98 1.61
C ALA A 119 -3.71 -2.14 2.74
N ILE A 120 -4.13 -1.04 3.38
CA ILE A 120 -5.05 -1.19 4.50
C ILE A 120 -6.37 -1.82 4.05
N ALA A 121 -6.85 -1.44 2.86
CA ALA A 121 -8.04 -2.09 2.32
C ALA A 121 -7.86 -3.58 2.17
N ALA A 122 -6.76 -3.97 1.56
CA ALA A 122 -6.50 -5.39 1.39
C ALA A 122 -6.40 -6.10 2.73
N TYR A 123 -5.68 -5.51 3.67
CA TYR A 123 -5.54 -6.12 4.98
C TYR A 123 -6.90 -6.30 5.66
N ASN A 124 -7.74 -5.28 5.57
CA ASN A 124 -9.04 -5.36 6.19
C ASN A 124 -9.93 -6.41 5.59
N VAL A 125 -9.81 -6.65 4.28
CA VAL A 125 -10.58 -7.71 3.64
C VAL A 125 -10.00 -9.09 3.98
N TYR A 126 -8.70 -9.18 4.14
CA TYR A 126 -8.05 -10.44 4.50
C TYR A 126 -8.35 -10.88 5.95
N ILE A 127 -8.37 -9.93 6.88
CA ILE A 127 -8.49 -10.28 8.30
C ILE A 127 -9.62 -11.30 8.60
N PRO A 128 -10.86 -11.10 8.12
CA PRO A 128 -11.92 -12.04 8.47
C PRO A 128 -11.78 -13.44 7.87
N VAL A 129 -10.91 -13.62 6.89
CA VAL A 129 -10.72 -14.90 6.23
C VAL A 129 -9.31 -15.47 6.44
N ALA A 130 -8.47 -14.75 7.17
CA ALA A 130 -7.13 -15.19 7.43
C ALA A 130 -7.09 -16.34 8.43
N ASP A 131 -6.11 -17.21 8.26
CA ASP A 131 -5.83 -18.19 9.32
C ASP A 131 -5.52 -17.44 10.63
N ALA A 132 -5.69 -18.08 11.78
CA ALA A 132 -5.64 -17.33 13.05
C ALA A 132 -4.29 -16.66 13.32
N PHE A 133 -3.21 -17.32 12.92
CA PHE A 133 -1.87 -16.72 13.09
C PHE A 133 -1.78 -15.42 12.29
N ALA A 134 -2.07 -15.52 10.98
CA ALA A 134 -1.99 -14.36 10.11
C ALA A 134 -3.02 -13.32 10.45
N ARG A 135 -4.17 -13.72 10.97
CA ARG A 135 -5.17 -12.75 11.44
C ARG A 135 -4.58 -11.83 12.51
N LYS A 136 -3.94 -12.44 13.52
N LYS A 136 -3.93 -12.44 13.51
CA LYS A 136 -3.33 -11.70 14.61
CA LYS A 136 -3.36 -11.67 14.58
C LYS A 136 -2.26 -10.75 14.07
C LYS A 136 -2.26 -10.74 14.06
N VAL A 137 -1.38 -11.25 13.21
CA VAL A 137 -0.32 -10.41 12.66
C VAL A 137 -0.93 -9.23 11.85
N THR A 138 -1.89 -9.54 10.99
CA THR A 138 -2.43 -8.50 10.11
C THR A 138 -3.21 -7.45 10.91
N GLU A 139 -3.93 -7.88 11.95
CA GLU A 139 -4.61 -6.95 12.84
C GLU A 139 -3.63 -5.98 13.47
N GLY A 140 -2.45 -6.47 13.87
CA GLY A 140 -1.47 -5.57 14.44
C GLY A 140 -0.88 -4.60 13.42
N VAL A 141 -0.68 -5.07 12.19
CA VAL A 141 -0.20 -4.19 11.12
C VAL A 141 -1.18 -3.07 10.85
N VAL A 142 -2.46 -3.41 10.74
CA VAL A 142 -3.49 -2.40 10.47
C VAL A 142 -3.55 -1.40 11.62
N LYS A 143 -3.53 -1.91 12.85
CA LYS A 143 -3.55 -1.01 14.02
C LYS A 143 -2.38 -0.05 13.97
N ASP A 144 -1.20 -0.56 13.62
CA ASP A 144 -0.03 0.28 13.46
C ASP A 144 -0.21 1.36 12.42
N GLU A 145 -0.77 1.00 11.27
CA GLU A 145 -0.98 1.99 10.22
C GLU A 145 -1.98 3.07 10.65
N TYR A 146 -3.03 2.68 11.38
CA TYR A 146 -4.00 3.66 11.84
C TYR A 146 -3.42 4.63 12.87
N THR A 147 -2.50 4.13 13.71
CA THR A 147 -2.06 4.85 14.90
C THR A 147 -0.82 5.68 14.66
N HIS A 148 0.06 5.27 13.77
CA HIS A 148 1.32 5.99 13.58
C HIS A 148 1.21 7.20 12.64
N LEU A 149 2.18 8.12 12.78
CA LEU A 149 2.28 9.33 11.97
C LEU A 149 2.26 8.96 10.51
N ASN A 150 1.29 9.49 9.76
CA ASN A 150 1.34 9.40 8.33
C ASN A 150 2.05 10.66 7.84
N PHE A 151 3.35 10.57 7.72
CA PHE A 151 4.18 11.70 7.34
C PHE A 151 3.75 12.34 6.02
N GLY A 152 3.56 11.50 5.00
CA GLY A 152 3.23 12.04 3.69
C GLY A 152 1.88 12.73 3.64
N GLN A 153 0.90 12.20 4.34
CA GLN A 153 -0.41 12.84 4.38
C GLN A 153 -0.31 14.21 5.02
N GLN A 154 0.41 14.30 6.11
CA GLN A 154 0.56 15.58 6.81
C GLN A 154 1.38 16.56 5.97
N TRP A 155 2.42 16.05 5.28
CA TRP A 155 3.23 16.87 4.42
C TRP A 155 2.39 17.55 3.35
N LEU A 156 1.53 16.76 2.71
CA LEU A 156 0.64 17.29 1.70
C LEU A 156 -0.39 18.25 2.25
N LYS A 157 -1.00 17.87 3.37
CA LYS A 157 -2.00 18.75 4.00
C LYS A 157 -1.44 20.13 4.31
N GLU A 158 -0.23 20.17 4.87
CA GLU A 158 0.40 21.43 5.27
C GLU A 158 0.68 22.33 4.08
N ARG A 159 0.81 21.73 2.89
CA ARG A 159 1.18 22.41 1.65
C ARG A 159 0.07 22.46 0.61
N PHE A 160 -1.17 22.20 1.04
CA PHE A 160 -2.27 21.93 0.11
C PHE A 160 -2.38 22.93 -1.04
N VAL A 161 -2.40 24.22 -0.74
CA VAL A 161 -2.61 25.17 -1.82
C VAL A 161 -1.52 25.07 -2.88
N THR A 162 -0.28 24.87 -2.46
CA THR A 162 0.82 24.79 -3.45
C THR A 162 0.97 23.44 -4.12
N VAL A 163 0.55 22.36 -3.47
CA VAL A 163 0.75 21.03 -4.07
C VAL A 163 -0.50 20.40 -4.69
N ARG A 164 -1.66 21.04 -4.57
CA ARG A 164 -2.90 20.39 -4.99
C ARG A 164 -2.88 19.95 -6.45
N GLU A 165 -2.37 20.79 -7.35
CA GLU A 165 -2.34 20.40 -8.74
C GLU A 165 -1.41 19.20 -8.97
N GLY A 166 -0.30 19.19 -8.25
CA GLY A 166 0.61 18.05 -8.33
C GLY A 166 -0.01 16.78 -7.78
N ILE A 167 -0.84 16.89 -6.74
CA ILE A 167 -1.55 15.71 -6.25
C ILE A 167 -2.46 15.15 -7.34
N GLU A 168 -3.18 16.04 -8.01
CA GLU A 168 -4.09 15.62 -9.06
C GLU A 168 -3.33 14.94 -10.20
N ARG A 169 -2.16 15.49 -10.55
CA ARG A 169 -1.35 14.87 -11.59
C ARG A 169 -0.88 13.47 -11.15
N ALA A 170 -0.40 13.36 -9.92
CA ALA A 170 0.06 12.07 -9.40
C ALA A 170 -1.07 11.04 -9.35
N ASN A 171 -2.27 11.48 -8.95
CA ASN A 171 -3.41 10.60 -8.97
C ASN A 171 -3.69 10.10 -10.39
N ALA A 172 -3.71 11.01 -11.37
CA ALA A 172 -4.04 10.60 -12.73
C ALA A 172 -3.01 9.59 -13.24
N GLN A 173 -1.74 9.75 -12.87
CA GLN A 173 -0.68 8.85 -13.33
C GLN A 173 -0.76 7.48 -12.66
N ASN A 174 -1.10 7.46 -11.37
CA ASN A 174 -0.90 6.26 -10.56
C ASN A 174 -2.15 5.51 -10.13
N LEU A 175 -3.30 6.18 -10.01
CA LEU A 175 -4.50 5.47 -9.63
C LEU A 175 -4.83 4.33 -10.67
N PRO A 176 -4.71 4.58 -11.98
CA PRO A 176 -4.99 3.48 -12.91
C PRO A 176 -4.10 2.24 -12.73
N ILE A 177 -2.88 2.47 -12.30
CA ILE A 177 -1.93 1.40 -12.08
C ILE A 177 -2.43 0.50 -10.95
N VAL A 178 -3.00 1.13 -9.87
N VAL A 178 -2.94 1.09 -9.91
CA VAL A 178 -3.71 0.44 -8.68
CA VAL A 178 -3.31 0.27 -8.81
C VAL A 178 -4.66 -0.57 -9.23
C VAL A 178 -4.63 -0.54 -9.17
N TRP A 179 -5.52 -0.04 -10.07
CA TRP A 179 -6.64 -0.86 -10.53
C TRP A 179 -6.12 -2.03 -11.35
N ARG A 180 -5.13 -1.79 -12.18
CA ARG A 180 -4.55 -2.88 -12.95
C ARG A 180 -3.96 -3.94 -12.01
N MET A 181 -3.26 -3.48 -10.98
CA MET A 181 -2.69 -4.40 -10.00
C MET A 181 -3.75 -5.22 -9.28
N LEU A 182 -4.85 -4.59 -8.91
CA LEU A 182 -5.90 -5.34 -8.25
C LEU A 182 -6.51 -6.38 -9.17
N ASN A 183 -6.76 -5.99 -10.41
CA ASN A 183 -7.33 -6.92 -11.36
C ASN A 183 -6.42 -8.09 -11.64
N ALA A 184 -5.12 -7.84 -11.60
CA ALA A 184 -4.15 -8.89 -11.92
C ALA A 184 -4.14 -10.03 -10.90
N VAL A 185 -4.61 -9.78 -9.69
CA VAL A 185 -4.55 -10.81 -8.65
C VAL A 185 -5.93 -11.32 -8.28
N GLU A 186 -6.96 -11.00 -9.06
CA GLU A 186 -8.33 -11.37 -8.73
C GLU A 186 -8.52 -12.86 -8.47
N ALA A 187 -7.90 -13.69 -9.28
CA ALA A 187 -8.07 -15.13 -9.08
C ALA A 187 -7.46 -15.59 -7.76
N ASP A 188 -6.34 -14.99 -7.39
CA ASP A 188 -5.68 -15.38 -6.13
C ASP A 188 -6.44 -14.84 -4.91
N THR A 189 -6.93 -13.60 -4.97
CA THR A 189 -7.75 -13.11 -3.87
C THR A 189 -9.01 -13.98 -3.72
N GLU A 190 -9.56 -14.44 -4.84
CA GLU A 190 -10.73 -15.31 -4.77
C GLU A 190 -10.41 -16.62 -4.01
N VAL A 191 -9.25 -17.21 -4.28
CA VAL A 191 -8.86 -18.42 -3.54
C VAL A 191 -8.75 -18.13 -2.03
N LEU A 192 -8.24 -16.95 -1.67
CA LEU A 192 -8.16 -16.56 -0.27
C LEU A 192 -9.50 -16.14 0.35
N GLN A 193 -10.58 -16.17 -0.45
CA GLN A 193 -11.90 -15.74 -0.07
C GLN A 193 -11.99 -14.26 0.26
N MET A 194 -11.17 -13.49 -0.42
CA MET A 194 -11.21 -12.04 -0.35
C MET A 194 -11.98 -11.50 -1.56
N ASP A 195 -13.04 -10.77 -1.29
CA ASP A 195 -13.84 -10.21 -2.36
C ASP A 195 -13.14 -8.96 -2.94
N LYS A 196 -12.85 -8.99 -4.24
CA LYS A 196 -12.21 -7.85 -4.92
C LYS A 196 -13.00 -6.56 -4.72
N GLU A 197 -14.32 -6.66 -4.82
CA GLU A 197 -15.15 -5.47 -4.72
C GLU A 197 -15.07 -4.84 -3.34
N ALA A 198 -14.92 -5.66 -2.30
CA ALA A 198 -14.73 -5.13 -0.96
C ALA A 198 -13.43 -4.34 -0.88
N ILE A 199 -12.37 -4.84 -1.55
CA ILE A 199 -11.12 -4.10 -1.58
C ILE A 199 -11.30 -2.74 -2.30
N VAL A 200 -11.99 -2.75 -3.45
CA VAL A 200 -12.25 -1.51 -4.18
C VAL A 200 -12.95 -0.50 -3.30
N GLU A 201 -14.01 -0.94 -2.65
CA GLU A 201 -14.82 -0.04 -1.82
C GLU A 201 -14.07 0.53 -0.63
N ASP A 202 -13.34 -0.36 0.07
CA ASP A 202 -12.54 0.06 1.22
C ASP A 202 -11.43 1.04 0.79
N PHE A 203 -10.81 0.75 -0.33
N PHE A 203 -10.79 0.73 -0.34
CA PHE A 203 -9.74 1.57 -0.87
CA PHE A 203 -9.74 1.63 -0.87
C PHE A 203 -10.25 2.99 -1.24
C PHE A 203 -10.32 3.01 -1.12
N MET A 204 -11.42 3.07 -1.87
CA MET A 204 -11.93 4.37 -2.27
C MET A 204 -12.47 5.17 -1.10
N ILE A 205 -13.13 4.53 -0.15
CA ILE A 205 -13.65 5.30 0.99
C ILE A 205 -12.50 5.89 1.80
N ALA A 206 -11.42 5.10 1.98
CA ALA A 206 -10.25 5.59 2.71
C ALA A 206 -9.51 6.70 1.96
N TYR A 207 -9.39 6.53 0.64
CA TYR A 207 -8.69 7.51 -0.17
C TYR A 207 -9.45 8.82 -0.16
N GLY A 208 -10.79 8.75 -0.21
CA GLY A 208 -11.59 9.97 -0.13
C GLY A 208 -11.47 10.67 1.21
N GLU A 209 -11.44 9.87 2.29
CA GLU A 209 -11.27 10.43 3.61
C GLU A 209 -9.88 11.13 3.70
N ALA A 210 -8.84 10.52 3.15
CA ALA A 210 -7.50 11.06 3.24
C ALA A 210 -7.37 12.32 2.40
N LEU A 211 -7.89 12.28 1.19
CA LEU A 211 -7.89 13.46 0.32
C LEU A 211 -8.69 14.61 0.93
N GLY A 212 -9.82 14.29 1.53
CA GLY A 212 -10.58 15.33 2.20
C GLY A 212 -9.81 15.95 3.36
N ASP A 213 -9.09 15.12 4.12
CA ASP A 213 -8.28 15.66 5.21
C ASP A 213 -7.21 16.62 4.68
N ILE A 214 -6.61 16.27 3.54
CA ILE A 214 -5.61 17.15 2.93
C ILE A 214 -6.20 18.50 2.50
N GLY A 215 -7.48 18.49 2.09
CA GLY A 215 -8.21 19.71 1.82
C GLY A 215 -9.16 19.64 0.62
N PHE A 216 -9.19 18.52 -0.08
CA PHE A 216 -10.00 18.37 -1.28
C PHE A 216 -11.50 18.33 -0.96
N SER A 217 -12.26 18.89 -1.90
CA SER A 217 -13.72 18.87 -1.90
C SER A 217 -14.31 17.61 -2.50
N MET A 218 -15.63 17.45 -2.40
CA MET A 218 -16.30 16.33 -3.06
C MET A 218 -16.09 16.38 -4.56
N ARG A 219 -16.24 17.55 -5.15
CA ARG A 219 -16.02 17.68 -6.58
C ARG A 219 -14.60 17.24 -6.94
N ASP A 220 -13.62 17.69 -6.18
CA ASP A 220 -12.25 17.35 -6.46
C ASP A 220 -12.02 15.84 -6.43
N VAL A 221 -12.54 15.17 -5.40
CA VAL A 221 -12.31 13.71 -5.31
C VAL A 221 -13.03 12.95 -6.40
N MET A 222 -14.21 13.43 -6.80
CA MET A 222 -14.91 12.83 -7.92
C MET A 222 -14.13 12.96 -9.22
N LYS A 223 -13.53 14.12 -9.43
CA LYS A 223 -12.67 14.29 -10.59
C LYS A 223 -11.45 13.34 -10.58
N MET A 224 -10.87 13.13 -9.40
CA MET A 224 -9.72 12.21 -9.27
C MET A 224 -10.15 10.76 -9.53
N SER A 225 -11.33 10.36 -9.04
CA SER A 225 -11.80 9.02 -9.31
C SER A 225 -12.00 8.82 -10.84
N ALA A 226 -12.55 9.80 -11.52
CA ALA A 226 -12.76 9.69 -12.96
C ALA A 226 -11.44 9.49 -13.72
N ARG A 227 -10.35 10.05 -13.22
CA ARG A 227 -9.03 9.88 -13.84
C ARG A 227 -8.49 8.47 -13.61
N GLY A 228 -8.96 7.79 -12.59
CA GLY A 228 -8.49 6.44 -12.32
C GLY A 228 -9.04 5.47 -13.33
N LEU A 229 -10.13 5.89 -13.96
CA LEU A 229 -10.87 5.10 -14.94
C LEU A 229 -10.17 5.21 -16.28
#